data_9OAF
#
_entry.id   9OAF
#
_cell.length_a   42.579
_cell.length_b   41.671
_cell.length_c   72.582
_cell.angle_alpha   90.000
_cell.angle_beta   104.012
_cell.angle_gamma   90.000
#
_symmetry.space_group_name_H-M   'P 1 21 1'
#
loop_
_entity.id
_entity.type
_entity.pdbx_description
1 polymer 'Carbonic anhydrase 2'
2 non-polymer 'ZINC ION'
3 non-polymer 'OCTANEDIOIC ACID HYDROXYAMIDE PHENYLAMIDE'
4 water water
#
_entity_poly.entity_id   1
_entity_poly.type   'polypeptide(L)'
_entity_poly.pdbx_seq_one_letter_code
;MSHHWGYGKHNGPEHWHKDFPIAKGERQSPVDIDTHTAKYDPSLKPLSVSYDQATSLRILNNGHSFQVTFDDSQDKAVLK
GGPLDGTYRLLQFHFHWGSLDGQGSEHTVDKKKYAAELHLVHWNTKYGDVGKAVQQPDGLAVLGIFLKVGSAKPGLQKVV
DVLDSIKTEGKSADFTNFDPRGLLPESLDYWTYPGSLTTPPLAECVTWIVLKEPISVSSEQVLKFRKLNFNGEGEPEELM
VDNWRPAQPLKNRQIKASFK
;
_entity_poly.pdbx_strand_id   A
#
loop_
_chem_comp.id
_chem_comp.type
_chem_comp.name
_chem_comp.formula
SHH non-polymer 'OCTANEDIOIC ACID HYDROXYAMIDE PHENYLAMIDE' 'C14 H20 N2 O3'
ZN non-polymer 'ZINC ION' 'Zn 2'
#
# COMPACT_ATOMS: atom_id res chain seq x y z
N HIS A 3 18.31 2.88 16.47
CA HIS A 3 17.25 3.48 17.32
C HIS A 3 15.88 3.10 16.77
N HIS A 4 15.09 4.13 16.37
CA HIS A 4 13.73 3.93 15.80
C HIS A 4 13.85 3.49 14.36
N TRP A 5 12.84 2.78 13.92
CA TRP A 5 13.01 2.14 12.62
C TRP A 5 12.79 3.14 11.50
N GLY A 6 13.38 2.84 10.35
CA GLY A 6 13.18 3.68 9.20
C GLY A 6 13.70 3.00 7.96
N TYR A 7 14.20 3.76 7.00
CA TYR A 7 14.67 3.18 5.74
C TYR A 7 16.12 3.55 5.46
N GLY A 8 16.87 3.95 6.48
CA GLY A 8 18.22 4.40 6.30
C GLY A 8 19.22 3.26 6.46
N LYS A 9 20.51 3.57 6.31
CA LYS A 9 21.56 2.52 6.42
C LYS A 9 21.59 1.94 7.81
N HIS A 10 21.25 2.74 8.80
CA HIS A 10 21.45 2.23 10.14
C HIS A 10 20.16 1.78 10.82
N ASN A 11 19.00 2.00 10.20
CA ASN A 11 17.74 1.65 10.84
C ASN A 11 16.76 1.02 9.85
N GLY A 12 17.26 0.59 8.70
CA GLY A 12 16.44 0.14 7.60
C GLY A 12 16.00 -1.31 7.72
N PRO A 13 15.34 -1.80 6.66
CA PRO A 13 14.72 -3.13 6.72
C PRO A 13 15.63 -4.24 7.20
N GLU A 14 16.92 -4.20 6.95
CA GLU A 14 17.81 -5.29 7.37
C GLU A 14 18.01 -5.28 8.89
N HIS A 15 17.62 -4.21 9.56
CA HIS A 15 17.73 -4.10 11.01
C HIS A 15 16.45 -4.42 11.74
N TRP A 16 15.31 -4.45 11.05
CA TRP A 16 14.03 -4.48 11.75
C TRP A 16 13.86 -5.72 12.64
N HIS A 17 14.50 -6.83 12.28
CA HIS A 17 14.28 -8.07 13.01
C HIS A 17 14.72 -7.95 14.46
N LYS A 18 15.62 -7.01 14.77
CA LYS A 18 16.11 -6.92 16.16
C LYS A 18 14.99 -6.44 17.09
N ASP A 19 14.16 -5.53 16.61
CA ASP A 19 13.02 -5.10 17.41
C ASP A 19 11.74 -5.86 17.13
N PHE A 20 11.63 -6.48 15.96
CA PHE A 20 10.41 -7.17 15.51
C PHE A 20 10.82 -8.51 14.95
N PRO A 21 11.02 -9.51 15.81
CA PRO A 21 11.55 -10.78 15.32
C PRO A 21 10.68 -11.47 14.30
N ILE A 22 9.38 -11.16 14.22
N ILE A 22 9.39 -11.16 14.22
CA ILE A 22 8.53 -11.71 13.17
C ILE A 22 9.02 -11.31 11.78
N ALA A 23 9.96 -10.36 11.69
CA ALA A 23 10.52 -10.00 10.38
C ALA A 23 11.09 -11.19 9.64
N LYS A 24 11.53 -12.21 10.38
CA LYS A 24 12.06 -13.43 9.77
C LYS A 24 11.02 -14.55 9.79
N GLY A 25 9.74 -14.20 9.81
CA GLY A 25 8.67 -15.15 9.97
C GLY A 25 8.33 -15.89 8.68
N GLU A 26 7.24 -16.66 8.76
CA GLU A 26 6.86 -17.58 7.69
C GLU A 26 5.94 -16.97 6.65
N ARG A 27 5.33 -15.80 6.90
CA ARG A 27 4.42 -15.25 5.89
C ARG A 27 4.65 -13.73 5.79
N GLN A 28 5.90 -13.35 5.53
CA GLN A 28 6.27 -11.96 5.41
C GLN A 28 6.05 -11.44 3.99
N SER A 29 5.84 -10.14 3.92
CA SER A 29 5.62 -9.40 2.69
C SER A 29 6.62 -8.27 2.58
N PRO A 30 6.88 -7.76 1.37
CA PRO A 30 6.32 -8.19 0.08
C PRO A 30 7.03 -9.43 -0.47
N VAL A 31 6.61 -9.91 -1.64
CA VAL A 31 7.25 -11.02 -2.32
C VAL A 31 7.38 -10.67 -3.78
N ASP A 32 8.25 -11.43 -4.46
CA ASP A 32 8.27 -11.42 -5.90
C ASP A 32 7.17 -12.34 -6.42
N ILE A 33 6.36 -11.83 -7.33
CA ILE A 33 5.33 -12.63 -7.99
C ILE A 33 5.92 -13.23 -9.26
N ASP A 34 6.14 -14.54 -9.24
CA ASP A 34 6.64 -15.25 -10.41
C ASP A 34 5.43 -15.67 -11.22
N THR A 35 5.20 -15.01 -12.36
CA THR A 35 3.93 -15.16 -13.07
C THR A 35 3.78 -16.54 -13.67
N HIS A 36 4.89 -17.25 -13.87
CA HIS A 36 4.82 -18.58 -14.44
C HIS A 36 4.61 -19.66 -13.40
N THR A 37 4.80 -19.37 -12.11
CA THR A 37 4.49 -20.34 -11.08
C THR A 37 3.24 -20.00 -10.28
N ALA A 38 2.67 -18.80 -10.47
CA ALA A 38 1.38 -18.52 -9.85
C ALA A 38 0.35 -19.48 -10.42
N LYS A 39 -0.58 -19.92 -9.58
CA LYS A 39 -1.59 -20.87 -10.00
C LYS A 39 -2.91 -20.17 -10.28
N TYR A 40 -3.45 -20.37 -11.47
CA TYR A 40 -4.81 -19.89 -11.76
C TYR A 40 -5.80 -20.68 -10.89
N ASP A 41 -6.69 -19.99 -10.19
CA ASP A 41 -7.68 -20.65 -9.30
C ASP A 41 -9.07 -20.23 -9.74
N PRO A 42 -9.77 -21.08 -10.52
CA PRO A 42 -11.08 -20.72 -11.06
C PRO A 42 -12.12 -20.57 -9.95
N SER A 43 -11.80 -21.00 -8.74
CA SER A 43 -12.71 -20.87 -7.57
C SER A 43 -12.72 -19.44 -7.04
N LEU A 44 -11.74 -18.62 -7.43
CA LEU A 44 -11.67 -17.27 -6.90
C LEU A 44 -12.74 -16.39 -7.54
N LYS A 45 -13.40 -15.57 -6.73
CA LYS A 45 -14.47 -14.70 -7.21
C LYS A 45 -13.92 -13.36 -7.66
N PRO A 46 -14.66 -12.64 -8.51
CA PRO A 46 -14.26 -11.27 -8.82
C PRO A 46 -14.27 -10.46 -7.53
N LEU A 47 -13.39 -9.46 -7.50
CA LEU A 47 -13.43 -8.52 -6.40
C LEU A 47 -14.68 -7.68 -6.51
N SER A 48 -15.22 -7.29 -5.36
CA SER A 48 -16.30 -6.32 -5.24
C SER A 48 -15.75 -5.13 -4.49
N VAL A 49 -15.60 -4.01 -5.17
CA VAL A 49 -15.09 -2.77 -4.57
C VAL A 49 -16.25 -1.79 -4.55
N SER A 50 -16.75 -1.44 -3.37
CA SER A 50 -17.88 -0.51 -3.22
C SER A 50 -17.36 0.74 -2.51
N TYR A 51 -16.98 1.74 -3.29
CA TYR A 51 -16.35 2.95 -2.79
C TYR A 51 -17.20 4.19 -3.04
N ASP A 52 -18.41 4.03 -3.54
CA ASP A 52 -19.27 5.20 -3.88
C ASP A 52 -19.54 6.09 -2.66
N GLN A 53 -19.62 5.52 -1.46
CA GLN A 53 -19.97 6.31 -0.26
C GLN A 53 -18.75 6.57 0.63
N ALA A 54 -17.55 6.42 0.10
CA ALA A 54 -16.34 6.72 0.86
C ALA A 54 -16.34 8.16 1.35
N THR A 55 -15.87 8.34 2.59
CA THR A 55 -15.74 9.65 3.24
C THR A 55 -14.28 9.82 3.67
N SER A 56 -13.50 10.57 2.92
CA SER A 56 -12.14 10.83 3.34
C SER A 56 -12.14 11.92 4.41
N LEU A 57 -11.18 11.84 5.30
CA LEU A 57 -11.09 12.74 6.45
C LEU A 57 -9.85 13.60 6.41
N ARG A 58 -8.69 12.96 6.43
CA ARG A 58 -7.46 13.76 6.57
C ARG A 58 -6.31 13.15 5.80
N ILE A 59 -5.30 13.97 5.50
CA ILE A 59 -4.05 13.48 4.87
C ILE A 59 -2.97 13.80 5.89
N LEU A 60 -2.03 12.88 6.11
N LEU A 60 -2.02 12.89 6.11
CA LEU A 60 -1.02 13.09 7.18
CA LEU A 60 -1.02 13.11 7.17
C LEU A 60 0.35 12.53 6.79
C LEU A 60 0.34 12.54 6.77
N ASN A 61 1.42 13.23 7.16
CA ASN A 61 2.78 12.71 6.91
C ASN A 61 3.17 12.03 8.22
N ASN A 62 3.29 10.71 8.24
CA ASN A 62 3.56 9.97 9.46
C ASN A 62 5.05 9.66 9.65
N GLY A 63 5.90 10.27 8.83
CA GLY A 63 7.32 10.14 8.95
C GLY A 63 7.91 8.98 8.17
N HIS A 64 7.04 8.14 7.61
CA HIS A 64 7.49 6.96 6.81
C HIS A 64 6.79 7.01 5.44
N SER A 65 5.62 7.63 5.37
CA SER A 65 4.86 7.71 4.12
C SER A 65 3.90 8.87 4.33
N PHE A 66 2.97 9.07 3.39
CA PHE A 66 1.81 9.88 3.69
C PHE A 66 0.57 9.02 3.50
N GLN A 67 -0.46 9.32 4.27
CA GLN A 67 -1.66 8.50 4.22
C GLN A 67 -2.90 9.38 4.22
N VAL A 68 -3.90 8.89 3.54
CA VAL A 68 -5.24 9.48 3.52
C VAL A 68 -6.13 8.58 4.33
N THR A 69 -6.82 9.14 5.34
CA THR A 69 -7.65 8.35 6.25
C THR A 69 -9.13 8.54 5.90
N PHE A 70 -9.91 7.49 6.12
CA PHE A 70 -11.34 7.45 5.83
C PHE A 70 -12.15 7.19 7.08
N ASP A 71 -13.40 7.65 7.06
CA ASP A 71 -14.33 7.29 8.13
C ASP A 71 -14.68 5.80 7.99
N ASP A 72 -14.31 4.99 9.00
CA ASP A 72 -14.59 3.57 8.97
C ASP A 72 -15.52 3.16 10.10
N SER A 73 -16.36 4.09 10.54
CA SER A 73 -17.31 3.83 11.62
C SER A 73 -18.60 3.16 11.13
N GLN A 74 -18.74 2.99 9.82
CA GLN A 74 -19.90 2.30 9.22
C GLN A 74 -19.43 1.65 7.90
N ASP A 75 -20.27 0.81 7.30
CA ASP A 75 -19.92 0.11 6.05
C ASP A 75 -20.11 1.03 4.85
N LYS A 76 -19.27 2.05 4.75
CA LYS A 76 -19.39 3.06 3.69
C LYS A 76 -18.61 2.69 2.44
N ALA A 77 -17.36 2.32 2.62
CA ALA A 77 -16.45 1.94 1.54
C ALA A 77 -15.96 0.55 1.92
N VAL A 78 -16.37 -0.47 1.18
CA VAL A 78 -16.04 -1.83 1.59
C VAL A 78 -15.48 -2.61 0.42
N LEU A 79 -14.69 -3.61 0.77
CA LEU A 79 -14.14 -4.59 -0.15
C LEU A 79 -14.68 -5.95 0.25
N LYS A 80 -15.20 -6.66 -0.73
CA LYS A 80 -15.75 -8.01 -0.53
C LYS A 80 -15.38 -8.88 -1.73
N GLY A 81 -15.66 -10.16 -1.63
CA GLY A 81 -15.41 -11.05 -2.75
C GLY A 81 -13.94 -11.42 -2.89
N GLY A 82 -13.54 -11.75 -4.11
CA GLY A 82 -12.21 -12.26 -4.32
C GLY A 82 -11.95 -13.46 -3.41
N PRO A 83 -10.81 -13.48 -2.73
CA PRO A 83 -10.48 -14.56 -1.80
C PRO A 83 -11.02 -14.35 -0.40
N LEU A 84 -11.80 -13.29 -0.22
CA LEU A 84 -12.21 -12.90 1.13
C LEU A 84 -13.55 -13.50 1.57
N ASP A 85 -13.63 -13.71 2.87
CA ASP A 85 -14.90 -14.16 3.46
C ASP A 85 -15.30 -13.00 4.37
N GLY A 86 -16.38 -12.33 4.03
CA GLY A 86 -16.83 -11.27 4.92
C GLY A 86 -16.58 -9.89 4.36
N THR A 87 -16.86 -8.88 5.16
CA THR A 87 -16.77 -7.48 4.68
C THR A 87 -15.55 -6.80 5.29
N TYR A 88 -14.80 -6.12 4.44
CA TYR A 88 -13.62 -5.39 4.90
C TYR A 88 -13.81 -3.90 4.62
N ARG A 89 -13.69 -3.09 5.65
CA ARG A 89 -13.89 -1.63 5.52
C ARG A 89 -12.60 -0.90 5.18
N LEU A 90 -12.70 0.05 4.26
CA LEU A 90 -11.54 0.85 3.92
C LEU A 90 -11.17 1.78 5.07
N LEU A 91 -9.92 1.77 5.46
CA LEU A 91 -9.40 2.60 6.54
C LEU A 91 -8.49 3.73 6.06
N GLN A 92 -7.55 3.41 5.17
CA GLN A 92 -6.59 4.43 4.74
C GLN A 92 -5.95 3.93 3.46
N PHE A 93 -5.33 4.84 2.71
CA PHE A 93 -4.39 4.44 1.68
C PHE A 93 -3.12 5.25 1.83
N HIS A 94 -2.03 4.67 1.33
CA HIS A 94 -0.73 5.31 1.37
C HIS A 94 0.10 4.74 0.23
N PHE A 95 1.29 5.29 0.05
CA PHE A 95 2.14 4.87 -1.06
C PHE A 95 3.52 4.52 -0.58
N HIS A 96 4.23 3.76 -1.41
CA HIS A 96 5.67 3.52 -1.28
C HIS A 96 6.31 3.90 -2.60
N TRP A 97 7.47 4.57 -2.58
CA TRP A 97 8.04 5.03 -3.84
C TRP A 97 9.55 5.12 -3.72
N GLY A 98 10.17 5.33 -4.89
CA GLY A 98 11.60 5.29 -5.01
C GLY A 98 12.24 6.65 -5.25
N SER A 99 13.56 6.64 -5.23
CA SER A 99 14.31 7.84 -5.60
C SER A 99 14.47 7.96 -7.12
N LEU A 100 14.24 6.88 -7.86
CA LEU A 100 14.35 6.83 -9.30
C LEU A 100 13.18 6.05 -9.84
N ASP A 101 12.84 6.26 -11.11
CA ASP A 101 11.63 5.60 -11.65
C ASP A 101 11.75 4.08 -11.69
N GLY A 102 12.96 3.52 -11.68
CA GLY A 102 13.06 2.08 -11.77
C GLY A 102 13.02 1.34 -10.46
N GLN A 103 12.60 1.97 -9.38
CA GLN A 103 12.47 1.31 -8.10
C GLN A 103 11.44 2.07 -7.28
N GLY A 104 10.85 1.40 -6.31
CA GLY A 104 9.87 2.04 -5.46
C GLY A 104 8.75 1.12 -5.04
N SER A 105 8.38 0.18 -5.89
CA SER A 105 7.36 -0.78 -5.46
C SER A 105 7.95 -1.73 -4.43
N GLU A 106 7.04 -2.33 -3.67
CA GLU A 106 7.40 -3.36 -2.70
C GLU A 106 7.29 -4.74 -3.35
N HIS A 107 6.09 -5.08 -3.85
CA HIS A 107 5.99 -6.28 -4.68
C HIS A 107 6.69 -6.06 -5.99
N THR A 108 7.15 -7.16 -6.57
CA THR A 108 7.76 -7.16 -7.89
C THR A 108 7.06 -8.23 -8.71
N VAL A 109 7.14 -8.11 -10.02
CA VAL A 109 6.47 -9.06 -10.93
C VAL A 109 7.58 -9.59 -11.83
N ASP A 110 7.90 -10.87 -11.73
CA ASP A 110 9.04 -11.44 -12.46
C ASP A 110 10.29 -10.58 -12.31
N LYS A 111 10.51 -10.12 -11.07
CA LYS A 111 11.69 -9.30 -10.66
C LYS A 111 11.58 -7.83 -11.15
N LYS A 112 10.53 -7.49 -11.88
CA LYS A 112 10.35 -6.11 -12.32
C LYS A 112 9.84 -5.24 -11.16
N LYS A 113 10.50 -4.10 -10.95
CA LYS A 113 10.11 -3.10 -9.96
C LYS A 113 9.35 -1.99 -10.67
N TYR A 114 8.31 -1.49 -10.03
CA TYR A 114 7.61 -0.30 -10.52
C TYR A 114 8.04 0.94 -9.73
N ALA A 115 7.61 2.12 -10.22
CA ALA A 115 8.06 3.37 -9.62
C ALA A 115 7.43 3.59 -8.24
N ALA A 116 6.28 3.01 -8.00
CA ALA A 116 5.62 3.19 -6.70
C ALA A 116 4.57 2.12 -6.55
N GLU A 117 4.04 2.02 -5.32
CA GLU A 117 2.99 1.05 -5.02
C GLU A 117 2.01 1.70 -4.06
N LEU A 118 0.74 1.63 -4.44
CA LEU A 118 -0.39 2.14 -3.67
C LEU A 118 -0.98 1.00 -2.87
N HIS A 119 -1.17 1.24 -1.56
CA HIS A 119 -1.81 0.25 -0.67
C HIS A 119 -3.09 0.84 -0.12
N LEU A 120 -4.21 0.18 -0.44
CA LEU A 120 -5.52 0.49 0.11
C LEU A 120 -5.81 -0.52 1.20
N VAL A 121 -5.85 -0.05 2.43
CA VAL A 121 -5.88 -0.91 3.62
C VAL A 121 -7.32 -1.04 4.13
N HIS A 122 -7.76 -2.28 4.30
CA HIS A 122 -9.11 -2.58 4.76
C HIS A 122 -9.05 -3.56 5.94
N TRP A 123 -10.03 -3.50 6.85
CA TRP A 123 -9.99 -4.44 7.98
C TRP A 123 -11.32 -5.16 8.08
N ASN A 124 -11.25 -6.38 8.58
CA ASN A 124 -12.36 -7.31 8.64
C ASN A 124 -13.34 -6.92 9.75
N THR A 125 -14.58 -6.58 9.37
CA THR A 125 -15.51 -6.00 10.34
C THR A 125 -15.91 -7.00 11.42
N LYS A 126 -15.70 -8.30 11.19
CA LYS A 126 -16.07 -9.21 12.26
C LYS A 126 -15.22 -9.01 13.51
N TYR A 127 -14.04 -8.40 13.41
CA TYR A 127 -13.23 -8.14 14.61
C TYR A 127 -13.51 -6.79 15.27
N GLY A 128 -14.42 -5.97 14.73
CA GLY A 128 -14.89 -4.83 15.48
C GLY A 128 -14.02 -3.59 15.44
N ASP A 129 -12.70 -3.74 15.51
CA ASP A 129 -11.85 -2.58 15.31
C ASP A 129 -10.51 -3.03 14.76
N VAL A 130 -9.78 -2.07 14.19
CA VAL A 130 -8.59 -2.45 13.44
C VAL A 130 -7.50 -2.98 14.37
N GLY A 131 -7.46 -2.52 15.62
CA GLY A 131 -6.49 -3.07 16.56
C GLY A 131 -6.69 -4.54 16.84
N LYS A 132 -7.94 -5.00 16.87
CA LYS A 132 -8.19 -6.42 17.03
C LYS A 132 -7.86 -7.16 15.74
N ALA A 133 -8.16 -6.54 14.60
CA ALA A 133 -7.95 -7.23 13.31
C ALA A 133 -6.47 -7.54 13.06
N VAL A 134 -5.60 -6.67 13.52
CA VAL A 134 -4.19 -6.95 13.24
CA VAL A 134 -4.17 -6.90 13.28
C VAL A 134 -3.66 -8.12 14.05
N GLN A 135 -4.43 -8.65 14.97
CA GLN A 135 -4.03 -9.83 15.78
C GLN A 135 -4.60 -11.11 15.16
N GLN A 136 -5.20 -11.04 13.99
CA GLN A 136 -5.87 -12.20 13.42
C GLN A 136 -5.29 -12.52 12.05
N PRO A 137 -5.24 -13.79 11.68
CA PRO A 137 -4.61 -14.17 10.42
C PRO A 137 -5.36 -13.68 9.19
N ASP A 138 -6.64 -13.36 9.32
CA ASP A 138 -7.45 -12.82 8.23
C ASP A 138 -8.00 -11.43 8.59
N GLY A 139 -7.22 -10.65 9.34
CA GLY A 139 -7.70 -9.35 9.84
C GLY A 139 -7.73 -8.24 8.82
N LEU A 140 -6.73 -8.19 7.96
CA LEU A 140 -6.63 -7.10 6.99
CA LEU A 140 -6.63 -7.10 6.99
C LEU A 140 -6.68 -7.63 5.57
N ALA A 141 -7.17 -6.81 4.66
CA ALA A 141 -7.02 -7.08 3.24
C ALA A 141 -6.44 -5.80 2.63
N VAL A 142 -5.33 -5.93 1.90
CA VAL A 142 -4.68 -4.77 1.32
C VAL A 142 -4.69 -4.95 -0.17
N LEU A 143 -5.25 -3.97 -0.84
CA LEU A 143 -5.21 -3.90 -2.33
CA LEU A 143 -5.21 -3.91 -2.33
C LEU A 143 -3.93 -3.12 -2.74
N GLY A 144 -3.07 -3.84 -3.44
CA GLY A 144 -1.84 -3.26 -3.94
C GLY A 144 -1.98 -2.95 -5.42
N ILE A 145 -1.61 -1.71 -5.75
CA ILE A 145 -1.68 -1.22 -7.15
C ILE A 145 -0.32 -0.62 -7.52
N PHE A 146 0.21 -1.07 -8.65
CA PHE A 146 1.50 -0.58 -9.13
C PHE A 146 1.32 0.73 -9.89
N LEU A 147 2.31 1.61 -9.77
CA LEU A 147 2.36 2.85 -10.55
C LEU A 147 3.54 2.81 -11.49
N LYS A 148 3.27 3.08 -12.76
CA LYS A 148 4.32 3.26 -13.76
C LYS A 148 4.29 4.70 -14.23
N VAL A 149 5.44 5.19 -14.67
CA VAL A 149 5.56 6.58 -15.12
C VAL A 149 5.24 6.66 -16.60
N GLY A 150 4.31 7.53 -16.93
CA GLY A 150 3.84 7.64 -18.30
C GLY A 150 2.94 8.86 -18.36
N SER A 151 1.70 8.66 -18.77
CA SER A 151 0.70 9.72 -18.76
C SER A 151 0.24 10.04 -17.34
N ALA A 152 -0.28 11.25 -17.14
CA ALA A 152 -0.73 11.65 -15.81
C ALA A 152 -2.03 10.95 -15.43
N LYS A 153 -2.25 10.78 -14.13
CA LYS A 153 -3.50 10.21 -13.63
C LYS A 153 -4.30 11.37 -13.07
N PRO A 154 -5.36 11.81 -13.74
CA PRO A 154 -6.04 13.02 -13.23
C PRO A 154 -6.61 12.83 -11.84
N GLY A 155 -7.05 11.63 -11.49
CA GLY A 155 -7.61 11.32 -10.17
C GLY A 155 -6.62 11.40 -9.04
N LEU A 156 -5.33 11.43 -9.34
CA LEU A 156 -4.31 11.57 -8.32
C LEU A 156 -3.93 13.02 -8.06
N GLN A 157 -4.30 13.95 -8.95
CA GLN A 157 -3.76 15.29 -8.84
C GLN A 157 -4.18 15.99 -7.54
N LYS A 158 -5.38 15.77 -7.04
CA LYS A 158 -5.79 16.41 -5.77
C LYS A 158 -4.84 16.01 -4.63
N VAL A 159 -4.34 14.79 -4.67
CA VAL A 159 -3.40 14.37 -3.63
C VAL A 159 -2.07 15.10 -3.81
N VAL A 160 -1.57 15.14 -5.03
CA VAL A 160 -0.24 15.76 -5.34
C VAL A 160 -0.31 17.24 -4.92
N ASP A 161 -1.44 17.87 -5.15
CA ASP A 161 -1.46 19.32 -4.93
C ASP A 161 -1.45 19.71 -3.45
N VAL A 162 -1.78 18.79 -2.55
CA VAL A 162 -1.84 19.13 -1.10
C VAL A 162 -0.53 18.74 -0.40
N LEU A 163 0.40 18.06 -1.07
CA LEU A 163 1.62 17.52 -0.39
C LEU A 163 2.51 18.64 0.18
N ASP A 164 2.49 19.80 -0.44
CA ASP A 164 3.29 20.95 0.09
C ASP A 164 2.82 21.28 1.51
N SER A 165 1.57 21.01 1.82
N SER A 165 1.57 20.98 1.84
CA SER A 165 0.99 21.33 3.16
CA SER A 165 1.00 21.32 3.16
C SER A 165 1.42 20.32 4.24
C SER A 165 1.45 20.34 4.25
N ILE A 166 1.95 19.17 3.85
CA ILE A 166 2.32 18.11 4.86
C ILE A 166 3.74 17.67 4.57
N LYS A 167 4.65 18.62 4.41
CA LYS A 167 5.98 18.26 3.93
C LYS A 167 6.76 17.47 4.96
N THR A 168 6.59 17.77 6.25
CA THR A 168 7.40 17.18 7.29
C THR A 168 6.58 16.29 8.22
N GLU A 169 7.29 15.42 8.92
CA GLU A 169 6.69 14.46 9.83
C GLU A 169 5.75 15.13 10.83
N GLY A 170 4.56 14.55 10.98
CA GLY A 170 3.56 14.98 11.93
C GLY A 170 2.56 16.00 11.40
N LYS A 171 2.82 16.56 10.24
CA LYS A 171 1.87 17.53 9.64
C LYS A 171 0.64 16.81 9.07
N SER A 172 -0.52 17.40 9.27
CA SER A 172 -1.76 16.85 8.73
C SER A 172 -2.63 17.98 8.19
N ALA A 173 -3.57 17.61 7.33
CA ALA A 173 -4.49 18.59 6.74
C ALA A 173 -5.84 17.94 6.49
N ASP A 174 -6.89 18.77 6.55
CA ASP A 174 -8.20 18.29 6.14
C ASP A 174 -8.14 17.81 4.70
N PHE A 175 -8.80 16.67 4.40
CA PHE A 175 -8.74 16.21 3.03
C PHE A 175 -10.07 15.51 2.76
N THR A 176 -11.10 16.32 2.55
CA THR A 176 -12.45 15.78 2.40
C THR A 176 -12.83 15.62 0.93
N ASN A 177 -13.83 14.77 0.70
CA ASN A 177 -14.47 14.59 -0.59
C ASN A 177 -13.51 14.07 -1.65
N PHE A 178 -12.55 13.24 -1.24
CA PHE A 178 -11.67 12.57 -2.19
C PHE A 178 -12.23 11.20 -2.54
N ASP A 179 -12.30 10.91 -3.84
CA ASP A 179 -12.95 9.69 -4.31
C ASP A 179 -11.87 8.69 -4.71
N PRO A 180 -11.65 7.62 -3.96
CA PRO A 180 -10.57 6.70 -4.30
C PRO A 180 -10.83 5.91 -5.56
N ARG A 181 -12.05 5.93 -6.12
CA ARG A 181 -12.26 5.25 -7.39
C ARG A 181 -11.39 5.78 -8.50
N GLY A 182 -10.93 7.03 -8.39
CA GLY A 182 -10.05 7.60 -9.40
C GLY A 182 -8.66 6.99 -9.43
N LEU A 183 -8.34 6.08 -8.49
CA LEU A 183 -7.01 5.49 -8.43
C LEU A 183 -6.96 4.07 -8.96
N LEU A 184 -8.11 3.51 -9.39
CA LEU A 184 -8.17 2.11 -9.78
C LEU A 184 -7.89 1.94 -11.26
N PRO A 185 -7.24 0.87 -11.63
CA PRO A 185 -7.06 0.56 -13.05
C PRO A 185 -8.37 0.07 -13.66
N GLU A 186 -8.37 -0.15 -14.95
N GLU A 186 -8.37 -0.15 -14.96
CA GLU A 186 -9.59 -0.59 -15.66
CA GLU A 186 -9.59 -0.60 -15.67
C GLU A 186 -9.95 -2.02 -15.24
C GLU A 186 -9.96 -2.01 -15.23
N SER A 187 -8.96 -2.89 -15.16
CA SER A 187 -9.20 -4.29 -14.85
C SER A 187 -8.92 -4.56 -13.39
N LEU A 188 -9.72 -5.46 -12.81
CA LEU A 188 -9.51 -5.87 -11.43
C LEU A 188 -8.93 -7.29 -11.33
N ASP A 189 -8.28 -7.78 -12.39
CA ASP A 189 -7.59 -9.06 -12.29
C ASP A 189 -6.48 -8.97 -11.24
N TYR A 190 -6.24 -10.05 -10.52
CA TYR A 190 -5.34 -9.95 -9.37
C TYR A 190 -4.61 -11.25 -9.09
N TRP A 191 -3.52 -11.11 -8.34
CA TRP A 191 -2.86 -12.20 -7.63
C TRP A 191 -3.19 -12.05 -6.16
N THR A 192 -3.19 -13.13 -5.42
CA THR A 192 -3.45 -13.07 -3.99
C THR A 192 -2.60 -14.10 -3.25
N TYR A 193 -2.17 -13.73 -2.05
CA TYR A 193 -1.40 -14.64 -1.20
C TYR A 193 -1.49 -14.14 0.25
N PRO A 194 -1.24 -15.01 1.22
CA PRO A 194 -1.29 -14.57 2.64
C PRO A 194 0.05 -13.99 3.04
N GLY A 195 0.03 -12.83 3.68
CA GLY A 195 1.27 -12.17 4.04
C GLY A 195 1.14 -11.29 5.26
N SER A 196 1.89 -10.20 5.26
CA SER A 196 2.11 -9.39 6.45
C SER A 196 2.03 -7.91 6.12
N LEU A 197 2.03 -7.07 7.18
CA LEU A 197 2.37 -5.66 7.01
C LEU A 197 3.80 -5.57 6.49
N THR A 198 4.08 -4.52 5.72
CA THR A 198 5.46 -4.36 5.24
C THR A 198 6.21 -3.32 6.04
N THR A 199 5.59 -2.79 7.08
CA THR A 199 6.28 -1.94 8.04
C THR A 199 6.09 -2.55 9.42
N PRO A 200 6.96 -2.22 10.35
CA PRO A 200 6.72 -2.62 11.73
C PRO A 200 5.32 -2.25 12.15
N PRO A 201 4.62 -3.12 12.86
CA PRO A 201 5.16 -4.31 13.51
C PRO A 201 5.21 -5.60 12.69
N LEU A 202 4.96 -5.51 11.38
CA LEU A 202 5.18 -6.65 10.46
C LEU A 202 4.24 -7.81 10.77
N ALA A 203 3.08 -7.51 11.36
CA ALA A 203 2.17 -8.56 11.78
C ALA A 203 1.69 -9.37 10.58
N GLU A 204 1.49 -10.68 10.80
CA GLU A 204 1.13 -11.61 9.74
C GLU A 204 -0.39 -11.76 9.69
N CYS A 205 -1.06 -10.68 9.28
CA CYS A 205 -2.52 -10.56 9.37
C CYS A 205 -3.16 -10.14 8.04
N VAL A 206 -2.41 -10.20 6.94
CA VAL A 206 -2.86 -9.58 5.68
C VAL A 206 -3.15 -10.60 4.60
N THR A 207 -4.33 -10.47 3.99
CA THR A 207 -4.60 -11.13 2.72
C THR A 207 -4.23 -10.10 1.67
N TRP A 208 -3.19 -10.38 0.88
CA TRP A 208 -2.76 -9.44 -0.15
C TRP A 208 -3.53 -9.69 -1.43
N ILE A 209 -3.99 -8.62 -2.06
CA ILE A 209 -4.64 -8.67 -3.35
C ILE A 209 -3.88 -7.68 -4.23
N VAL A 210 -3.05 -8.18 -5.15
CA VAL A 210 -2.17 -7.32 -5.92
C VAL A 210 -2.73 -7.26 -7.34
N LEU A 211 -3.04 -6.07 -7.81
CA LEU A 211 -3.68 -5.98 -9.15
C LEU A 211 -2.63 -6.11 -10.25
N LYS A 212 -3.02 -6.81 -11.32
CA LYS A 212 -2.09 -7.05 -12.44
C LYS A 212 -1.83 -5.78 -13.26
N GLU A 213 -2.85 -4.96 -13.43
CA GLU A 213 -2.73 -3.78 -14.30
C GLU A 213 -2.21 -2.59 -13.51
N PRO A 214 -1.08 -2.00 -13.88
CA PRO A 214 -0.62 -0.79 -13.18
C PRO A 214 -1.42 0.42 -13.60
N ILE A 215 -1.37 1.45 -12.79
CA ILE A 215 -1.87 2.76 -13.23
C ILE A 215 -0.69 3.59 -13.67
N SER A 216 -0.96 4.52 -14.59
N SER A 216 -0.95 4.52 -14.58
N SER A 216 -0.95 4.52 -14.58
CA SER A 216 0.12 5.41 -15.10
CA SER A 216 0.11 5.41 -15.09
CA SER A 216 0.13 5.41 -15.09
C SER A 216 0.02 6.79 -14.45
C SER A 216 0.02 6.79 -14.45
C SER A 216 0.02 6.79 -14.46
N VAL A 217 1.15 7.28 -13.95
CA VAL A 217 1.23 8.62 -13.37
C VAL A 217 2.34 9.36 -14.10
N SER A 218 2.28 10.68 -14.08
CA SER A 218 3.32 11.39 -14.82
C SER A 218 4.57 11.61 -13.98
N SER A 219 5.67 11.91 -14.67
CA SER A 219 6.90 12.20 -13.95
CA SER A 219 6.90 12.20 -13.96
C SER A 219 6.71 13.35 -12.98
N GLU A 220 5.92 14.37 -13.37
CA GLU A 220 5.69 15.50 -12.46
C GLU A 220 4.91 15.08 -11.22
N GLN A 221 3.98 14.15 -11.34
CA GLN A 221 3.27 13.69 -10.17
C GLN A 221 4.18 12.94 -9.20
N VAL A 222 5.00 12.02 -9.69
N VAL A 222 5.00 12.02 -9.70
CA VAL A 222 5.86 11.22 -8.77
CA VAL A 222 5.86 11.22 -8.78
C VAL A 222 6.98 12.08 -8.17
C VAL A 222 6.93 12.12 -8.16
N LEU A 223 7.41 13.11 -8.92
N LEU A 223 7.41 13.10 -8.92
CA LEU A 223 8.47 14.01 -8.42
CA LEU A 223 8.47 14.00 -8.43
C LEU A 223 7.99 14.70 -7.15
C LEU A 223 7.98 14.69 -7.15
N LYS A 224 6.78 14.96 -7.08
CA LYS A 224 6.17 15.66 -5.91
C LYS A 224 6.21 14.76 -4.67
N PHE A 225 6.04 13.44 -4.85
CA PHE A 225 6.20 12.53 -3.70
C PHE A 225 7.62 12.61 -3.14
N ARG A 226 8.59 12.76 -4.03
CA ARG A 226 10.01 12.74 -3.61
C ARG A 226 10.46 14.05 -2.93
N LYS A 227 9.57 15.01 -2.83
CA LYS A 227 9.90 16.31 -2.18
C LYS A 227 9.46 16.27 -0.72
N LEU A 228 8.76 15.23 -0.32
CA LEU A 228 8.39 15.09 1.11
C LEU A 228 9.63 14.82 1.94
N ASN A 229 9.49 14.96 3.25
CA ASN A 229 10.63 14.82 4.16
C ASN A 229 10.34 13.76 5.22
N PHE A 230 11.34 12.94 5.52
CA PHE A 230 11.23 12.00 6.62
C PHE A 230 11.29 12.73 7.96
N ASN A 231 12.04 13.82 7.95
CA ASN A 231 12.29 14.57 9.19
C ASN A 231 11.12 15.47 9.57
N GLY A 232 11.12 15.91 10.84
CA GLY A 232 10.12 16.90 11.27
C GLY A 232 10.62 18.30 11.01
N GLU A 233 9.73 19.28 11.08
CA GLU A 233 10.12 20.69 10.86
C GLU A 233 11.23 21.08 11.84
N GLY A 234 12.32 21.64 11.32
CA GLY A 234 13.47 22.03 12.16
C GLY A 234 14.61 21.04 12.19
N GLU A 235 14.49 19.88 11.55
CA GLU A 235 15.58 18.88 11.68
C GLU A 235 16.37 18.86 10.36
N PRO A 236 17.56 18.23 10.30
CA PRO A 236 18.25 18.12 9.03
C PRO A 236 17.28 17.52 7.99
N GLU A 237 17.27 18.11 6.79
CA GLU A 237 16.33 17.66 5.71
C GLU A 237 16.78 16.33 5.13
N GLU A 238 15.90 15.35 5.18
CA GLU A 238 16.14 14.05 4.57
C GLU A 238 14.94 13.76 3.69
N LEU A 239 15.16 13.65 2.38
CA LEU A 239 14.04 13.44 1.49
C LEU A 239 13.40 12.09 1.75
N MET A 240 12.07 12.06 1.72
CA MET A 240 11.30 10.81 1.84
C MET A 240 11.29 10.13 0.48
N VAL A 241 12.24 9.21 0.31
CA VAL A 241 12.36 8.40 -0.90
C VAL A 241 12.79 7.00 -0.44
N ASP A 242 12.47 6.02 -1.28
CA ASP A 242 12.88 4.62 -1.07
C ASP A 242 12.33 4.08 0.23
N ASN A 243 11.06 4.37 0.50
CA ASN A 243 10.38 3.85 1.69
C ASN A 243 9.68 2.53 1.37
N TRP A 244 10.45 1.62 0.80
CA TRP A 244 9.93 0.30 0.41
C TRP A 244 10.76 -0.81 1.05
N ARG A 245 10.11 -1.91 1.39
CA ARG A 245 10.83 -3.07 1.95
C ARG A 245 11.15 -4.00 0.78
N PRO A 246 12.33 -4.65 0.80
N PRO A 246 12.33 -4.65 0.80
CA PRO A 246 12.68 -5.57 -0.26
CA PRO A 246 12.68 -5.58 -0.26
C PRO A 246 11.84 -6.86 -0.21
C PRO A 246 11.84 -6.86 -0.21
N ALA A 247 11.85 -7.63 -1.29
CA ALA A 247 11.06 -8.88 -1.34
C ALA A 247 11.59 -9.88 -0.32
N GLN A 248 10.66 -10.61 0.29
CA GLN A 248 11.00 -11.58 1.32
C GLN A 248 10.76 -12.99 0.79
N PRO A 249 11.32 -14.02 1.45
CA PRO A 249 11.14 -15.39 0.95
C PRO A 249 9.68 -15.84 0.94
N LEU A 250 9.29 -16.52 -0.14
CA LEU A 250 7.92 -17.03 -0.22
C LEU A 250 7.66 -18.15 0.77
N LYS A 251 8.67 -18.97 1.05
CA LYS A 251 8.54 -20.08 2.04
C LYS A 251 7.39 -20.97 1.60
N ASN A 252 6.58 -21.45 2.51
CA ASN A 252 5.53 -22.40 2.12
C ASN A 252 4.22 -21.81 1.66
N ARG A 253 4.28 -20.91 0.74
CA ARG A 253 3.07 -20.25 0.27
C ARG A 253 2.92 -20.39 -1.24
N GLN A 254 1.68 -20.33 -1.71
CA GLN A 254 1.39 -20.35 -3.13
C GLN A 254 0.71 -19.05 -3.48
N ILE A 255 1.11 -18.45 -4.57
CA ILE A 255 0.43 -17.26 -5.07
C ILE A 255 -0.62 -17.73 -6.06
N LYS A 256 -1.86 -17.26 -5.90
CA LYS A 256 -2.95 -17.65 -6.78
C LYS A 256 -3.30 -16.49 -7.69
N ALA A 257 -3.73 -16.80 -8.90
CA ALA A 257 -4.12 -15.78 -9.87
C ALA A 257 -5.60 -15.92 -10.17
N SER A 258 -6.29 -14.79 -10.32
CA SER A 258 -7.71 -14.77 -10.69
C SER A 258 -7.92 -14.92 -12.18
N PHE A 259 -6.85 -15.00 -12.96
CA PHE A 259 -6.92 -14.89 -14.40
C PHE A 259 -5.94 -15.87 -15.03
N LYS A 260 -6.23 -16.26 -16.26
CA LYS A 260 -5.41 -17.23 -16.95
C LYS A 260 -4.53 -16.50 -17.94
ZN ZN B . 2.12 -0.07 2.53
O1 SHH C . 2.79 -1.18 4.22
O1 SHH C . 3.64 -0.86 4.53
O2 SHH C . 0.25 -1.52 3.43
O2 SHH C . 2.16 -2.77 5.71
N1 SHH C . 1.95 -2.14 4.76
N1 SHH C . 2.38 -1.23 4.11
C1 SHH C . 0.69 -2.20 4.36
C1 SHH C . 1.68 -2.12 4.78
C2 SHH C . -0.18 -3.14 5.14
C2 SHH C . 0.24 -2.27 4.35
C3 SHH C . -1.28 -2.42 5.84
C3 SHH C . -0.69 -2.43 5.52
C4 SHH C . -0.81 -1.24 6.65
C4 SHH C . -0.65 -1.24 6.49
C5 SHH C . -1.26 -1.27 8.08
C5 SHH C . -1.50 -1.44 7.72
C6 SHH C . -1.71 0.07 8.63
C6 SHH C . -1.64 -0.20 8.59
C7 SHH C . -2.97 0.00 9.43
C7 SHH C . -2.83 -0.24 9.49
C8 SHH C . -3.35 1.30 10.07
C8 SHH C . -3.25 1.11 10.01
O3 SHH C . -3.31 2.37 9.46
O3 SHH C . -3.22 2.12 9.32
N2 SHH C . -3.75 1.21 11.36
N2 SHH C . -3.67 1.12 11.30
C9 SHH C . -3.33 0.29 12.33
C9 SHH C . -3.29 0.25 12.34
C10 SHH C . -4.26 -0.31 13.16
C10 SHH C . -4.26 -0.26 13.18
C11 SHH C . -3.87 -1.21 14.12
C11 SHH C . -3.91 -1.11 14.21
C12 SHH C . -2.53 -1.52 14.28
C12 SHH C . -2.60 -1.45 14.43
C13 SHH C . -1.60 -0.93 13.47
C13 SHH C . -1.62 -0.94 13.61
C14 SHH C . -1.99 -0.02 12.50
C14 SHH C . -1.96 -0.08 12.56
#